data_5KBW
#
_entry.id   5KBW
#
_cell.length_a   40.142
_cell.length_b   94.365
_cell.length_c   50.986
_cell.angle_alpha   90.00
_cell.angle_beta   95.81
_cell.angle_gamma   90.00
#
_symmetry.space_group_name_H-M   'P 1 21 1'
#
loop_
_entity.id
_entity.type
_entity.pdbx_description
1 polymer 'Riboflavin transporter RibU'
2 non-polymer RIBOFLAVIN
3 water water
#
_entity_poly.entity_id   1
_entity_poly.type   'polypeptide(L)'
_entity_poly.pdbx_seq_one_letter_code
;MGSSIKKISFVGIFSALATLVMFLEFPIFPQASFLKYDPSEIPALIVSFLLGPGVGMFVVLVKDILFFLMKSGDPVGIAM
NAVLGMSFVGIAGLIYHRNKSRATAIKGMIVATLFATAFALGLNALIVPLYFEAPFELYLKFFPFILAFNLVKFGIDSVV
TFFVYKKVSSILKLSNSLVPR
;
_entity_poly.pdbx_strand_id   A,B
#
loop_
_chem_comp.id
_chem_comp.type
_chem_comp.name
_chem_comp.formula
RBF non-polymer RIBOFLAVIN 'C17 H20 N4 O6'
#
# COMPACT_ATOMS: atom_id res chain seq x y z
N SER A 3 9.32 -9.63 -29.07
CA SER A 3 10.32 -8.73 -28.53
C SER A 3 9.83 -8.04 -27.25
N SER A 4 10.69 -8.03 -26.23
CA SER A 4 10.37 -7.30 -25.00
C SER A 4 10.55 -5.80 -25.17
N ILE A 5 11.36 -5.35 -26.13
CA ILE A 5 11.55 -3.93 -26.33
C ILE A 5 10.29 -3.30 -26.90
N LYS A 6 9.50 -4.07 -27.65
CA LYS A 6 8.20 -3.57 -28.09
C LYS A 6 7.25 -3.37 -26.93
N LYS A 7 7.39 -4.18 -25.88
CA LYS A 7 6.55 -4.04 -24.70
C LYS A 7 7.07 -2.94 -23.77
N ILE A 8 8.40 -2.83 -23.65
CA ILE A 8 8.98 -1.72 -22.89
C ILE A 8 8.61 -0.39 -23.52
N SER A 9 8.65 -0.33 -24.85
CA SER A 9 8.18 0.86 -25.56
C SER A 9 6.73 1.16 -25.21
N PHE A 10 5.87 0.14 -25.32
CA PHE A 10 4.45 0.32 -25.03
C PHE A 10 4.23 0.82 -23.61
N VAL A 11 4.90 0.21 -22.64
CA VAL A 11 4.74 0.62 -21.25
C VAL A 11 5.25 2.03 -21.05
N GLY A 12 6.46 2.32 -21.53
CA GLY A 12 7.02 3.65 -21.38
C GLY A 12 6.17 4.73 -22.02
N ILE A 13 5.62 4.43 -23.21
CA ILE A 13 4.70 5.36 -23.86
C ILE A 13 3.50 5.63 -22.97
N PHE A 14 2.89 4.57 -22.44
CA PHE A 14 1.60 4.68 -21.78
C PHE A 14 1.70 5.25 -20.37
N SER A 15 2.87 5.20 -19.74
CA SER A 15 3.04 5.93 -18.49
C SER A 15 3.32 7.40 -18.76
N ALA A 16 3.89 7.72 -19.92
CA ALA A 16 4.06 9.12 -20.31
C ALA A 16 2.72 9.79 -20.57
N LEU A 17 1.82 9.10 -21.28
CA LEU A 17 0.48 9.64 -21.50
C LEU A 17 -0.34 9.65 -20.22
N ALA A 18 -0.13 8.68 -19.34
CA ALA A 18 -0.82 8.68 -18.06
C ALA A 18 -0.41 9.87 -17.20
N THR A 19 0.83 10.35 -17.36
CA THR A 19 1.29 11.49 -16.59
C THR A 19 0.84 12.81 -17.22
N LEU A 20 0.84 12.87 -18.56
CA LEU A 20 0.40 14.08 -19.25
C LEU A 20 -1.08 14.34 -18.99
N VAL A 21 -1.92 13.31 -19.18
CA VAL A 21 -3.36 13.45 -19.06
C VAL A 21 -3.78 13.85 -17.66
N MET A 22 -2.91 13.63 -16.66
CA MET A 22 -3.23 13.99 -15.29
C MET A 22 -3.37 15.50 -15.09
N PHE A 23 -2.74 16.31 -15.93
CA PHE A 23 -2.88 17.76 -15.81
C PHE A 23 -4.28 18.25 -16.18
N LEU A 24 -5.15 17.36 -16.63
CA LEU A 24 -6.53 17.70 -16.95
C LEU A 24 -7.46 17.51 -15.76
N GLU A 25 -6.93 17.28 -14.57
CA GLU A 25 -7.77 16.99 -13.41
C GLU A 25 -8.68 18.16 -13.10
N PHE A 26 -9.91 17.84 -12.68
CA PHE A 26 -10.92 18.83 -12.35
C PHE A 26 -11.91 18.21 -11.39
N PRO A 27 -12.48 18.99 -10.47
CA PRO A 27 -13.45 18.43 -9.52
C PRO A 27 -14.81 18.24 -10.17
N ILE A 28 -15.35 17.03 -10.06
CA ILE A 28 -16.71 16.77 -10.52
C ILE A 28 -17.72 17.40 -9.57
N PHE A 29 -17.37 17.53 -8.30
CA PHE A 29 -18.26 18.10 -7.30
C PHE A 29 -17.64 19.37 -6.72
N PRO A 30 -18.22 20.55 -6.97
CA PRO A 30 -17.64 21.77 -6.39
C PRO A 30 -17.62 21.77 -4.86
N GLN A 31 -18.52 21.04 -4.20
CA GLN A 31 -18.47 20.96 -2.74
C GLN A 31 -17.29 20.11 -2.28
N ALA A 32 -17.13 18.93 -2.85
CA ALA A 32 -15.99 18.05 -2.54
C ALA A 32 -14.90 18.23 -3.59
N SER A 33 -14.36 19.46 -3.64
CA SER A 33 -13.43 19.85 -4.68
C SER A 33 -12.07 19.18 -4.56
N PHE A 34 -11.78 18.52 -3.43
CA PHE A 34 -10.52 17.79 -3.33
C PHE A 34 -10.54 16.51 -4.15
N LEU A 35 -11.72 16.02 -4.52
CA LEU A 35 -11.87 14.87 -5.41
C LEU A 35 -11.82 15.37 -6.85
N LYS A 36 -10.73 15.10 -7.54
CA LYS A 36 -10.56 15.54 -8.93
C LYS A 36 -10.48 14.32 -9.84
N TYR A 37 -11.26 14.36 -10.92
CA TYR A 37 -11.23 13.27 -11.89
C TYR A 37 -10.15 13.51 -12.94
N ASP A 38 -9.45 12.44 -13.30
CA ASP A 38 -8.50 12.44 -14.39
C ASP A 38 -8.57 11.05 -15.02
N PRO A 39 -8.42 10.95 -16.35
CA PRO A 39 -8.55 9.64 -17.00
C PRO A 39 -7.22 8.90 -17.11
N SER A 40 -6.32 9.12 -16.15
CA SER A 40 -4.96 8.59 -16.27
C SER A 40 -4.89 7.08 -16.09
N GLU A 41 -5.89 6.45 -15.48
CA GLU A 41 -5.85 5.01 -15.27
C GLU A 41 -6.40 4.23 -16.45
N ILE A 42 -7.03 4.88 -17.42
CA ILE A 42 -7.38 4.21 -18.67
C ILE A 42 -6.14 3.69 -19.38
N PRO A 43 -5.05 4.47 -19.55
CA PRO A 43 -3.82 3.88 -20.08
C PRO A 43 -3.30 2.72 -19.26
N ALA A 44 -3.32 2.84 -17.93
CA ALA A 44 -2.79 1.78 -17.08
C ALA A 44 -3.67 0.53 -17.16
N LEU A 45 -4.99 0.71 -17.26
CA LEU A 45 -5.88 -0.43 -17.40
C LEU A 45 -5.67 -1.14 -18.74
N ILE A 46 -5.35 -0.37 -19.78
CA ILE A 46 -5.00 -0.96 -21.07
C ILE A 46 -3.76 -1.81 -20.94
N VAL A 47 -2.70 -1.24 -20.34
CA VAL A 47 -1.47 -1.99 -20.12
C VAL A 47 -1.73 -3.21 -19.25
N SER A 48 -2.54 -3.05 -18.20
CA SER A 48 -2.90 -4.18 -17.34
C SER A 48 -3.58 -5.29 -18.13
N PHE A 49 -4.41 -4.92 -19.09
CA PHE A 49 -5.16 -5.92 -19.83
C PHE A 49 -4.30 -6.57 -20.91
N LEU A 50 -3.44 -5.81 -21.57
CA LEU A 50 -2.66 -6.32 -22.70
C LEU A 50 -1.34 -6.95 -22.29
N LEU A 51 -0.89 -6.76 -21.06
CA LEU A 51 0.42 -7.28 -20.66
C LEU A 51 0.46 -7.87 -19.25
N GLY A 52 -0.42 -7.45 -18.33
CA GLY A 52 -0.46 -8.05 -17.03
C GLY A 52 -0.82 -7.07 -15.93
N PRO A 53 -1.50 -7.58 -14.89
CA PRO A 53 -1.90 -6.71 -13.77
C PRO A 53 -0.74 -5.94 -13.15
N GLY A 54 0.39 -6.63 -12.92
CA GLY A 54 1.52 -5.98 -12.29
C GLY A 54 2.07 -4.82 -13.10
N VAL A 55 2.10 -4.97 -14.42
CA VAL A 55 2.63 -3.89 -15.26
C VAL A 55 1.70 -2.69 -15.23
N GLY A 56 0.39 -2.92 -15.24
CA GLY A 56 -0.55 -1.81 -15.17
C GLY A 56 -0.46 -1.05 -13.86
N MET A 57 -0.32 -1.77 -12.75
CA MET A 57 -0.12 -1.11 -11.47
C MET A 57 1.20 -0.35 -11.44
N PHE A 58 2.24 -0.91 -12.09
CA PHE A 58 3.52 -0.21 -12.18
C PHE A 58 3.37 1.10 -12.95
N VAL A 59 2.51 1.11 -13.97
CA VAL A 59 2.27 2.35 -14.72
C VAL A 59 1.64 3.41 -13.82
N VAL A 60 0.71 3.00 -12.95
CA VAL A 60 0.06 3.96 -12.05
C VAL A 60 1.09 4.57 -11.10
N LEU A 61 2.04 3.77 -10.64
CA LEU A 61 3.02 4.26 -9.67
C LEU A 61 4.02 5.20 -10.32
N VAL A 62 4.54 4.84 -11.50
CA VAL A 62 5.46 5.73 -12.22
C VAL A 62 4.77 7.06 -12.52
N LYS A 63 3.52 7.00 -12.97
CA LYS A 63 2.80 8.19 -13.38
C LYS A 63 2.53 9.12 -12.21
N ASP A 64 2.21 8.56 -11.04
CA ASP A 64 1.92 9.39 -9.87
C ASP A 64 3.18 9.92 -9.22
N ILE A 65 4.28 9.17 -9.28
CA ILE A 65 5.56 9.69 -8.80
C ILE A 65 5.97 10.92 -9.60
N LEU A 66 5.88 10.81 -10.93
CA LEU A 66 6.22 11.94 -11.79
C LEU A 66 5.33 13.13 -11.51
N PHE A 67 4.04 12.89 -11.31
CA PHE A 67 3.10 13.98 -11.05
C PHE A 67 3.35 14.64 -9.70
N PHE A 68 3.84 13.89 -8.72
CA PHE A 68 4.11 14.49 -7.41
C PHE A 68 5.33 15.41 -7.48
N LEU A 69 6.36 15.02 -8.23
CA LEU A 69 7.54 15.86 -8.34
C LEU A 69 7.21 17.19 -9.01
N MET A 70 6.21 17.21 -9.89
CA MET A 70 5.77 18.46 -10.50
C MET A 70 4.70 19.17 -9.68
N LYS A 71 4.01 18.46 -8.79
CA LYS A 71 3.00 19.03 -7.90
C LYS A 71 3.29 18.49 -6.49
N SER A 72 4.39 18.98 -5.89
CA SER A 72 4.75 18.55 -4.55
C SER A 72 3.83 19.09 -3.48
N GLY A 73 2.90 19.98 -3.84
CA GLY A 73 2.02 20.56 -2.85
C GLY A 73 1.01 19.61 -2.24
N ASP A 74 0.85 18.42 -2.84
CA ASP A 74 -0.21 17.50 -2.45
C ASP A 74 0.29 16.05 -2.42
N PRO A 75 1.04 15.67 -1.39
CA PRO A 75 1.39 14.25 -1.23
C PRO A 75 0.21 13.40 -0.79
N VAL A 76 -0.70 13.95 0.03
CA VAL A 76 -1.83 13.17 0.52
C VAL A 76 -2.77 12.80 -0.60
N GLY A 77 -3.09 13.78 -1.46
CA GLY A 77 -4.05 13.56 -2.53
C GLY A 77 -3.54 12.80 -3.72
N ILE A 78 -2.22 12.58 -3.80
CA ILE A 78 -1.60 11.81 -4.87
C ILE A 78 -1.33 10.41 -4.35
N ALA A 79 -1.08 10.29 -3.05
CA ALA A 79 -0.93 8.98 -2.43
C ALA A 79 -2.23 8.19 -2.52
N MET A 80 -3.37 8.85 -2.27
CA MET A 80 -4.65 8.15 -2.34
C MET A 80 -5.00 7.79 -3.77
N ASN A 81 -4.69 8.67 -4.73
CA ASN A 81 -4.89 8.33 -6.13
C ASN A 81 -4.01 7.15 -6.53
N ALA A 82 -2.76 7.14 -6.06
CA ALA A 82 -1.88 6.03 -6.36
C ALA A 82 -2.36 4.73 -5.75
N VAL A 83 -2.81 4.77 -4.50
CA VAL A 83 -3.23 3.56 -3.81
C VAL A 83 -4.50 2.99 -4.44
N LEU A 84 -5.43 3.86 -4.83
CA LEU A 84 -6.68 3.38 -5.42
C LEU A 84 -6.49 2.94 -6.86
N GLY A 85 -5.70 3.67 -7.65
CA GLY A 85 -5.51 3.32 -9.04
C GLY A 85 -4.86 1.96 -9.21
N MET A 86 -3.92 1.62 -8.33
CA MET A 86 -3.24 0.32 -8.40
C MET A 86 -4.13 -0.82 -7.94
N SER A 87 -5.03 -0.55 -6.99
CA SER A 87 -6.03 -1.57 -6.63
C SER A 87 -6.98 -1.82 -7.79
N PHE A 88 -7.56 -0.74 -8.33
CA PHE A 88 -8.53 -0.87 -9.43
C PHE A 88 -7.94 -1.63 -10.61
N VAL A 89 -6.78 -1.18 -11.10
CA VAL A 89 -6.17 -1.77 -12.28
C VAL A 89 -5.56 -3.13 -11.95
N GLY A 90 -5.24 -3.36 -10.68
CA GLY A 90 -4.74 -4.66 -10.28
C GLY A 90 -5.82 -5.73 -10.26
N ILE A 91 -6.93 -5.45 -9.58
CA ILE A 91 -8.01 -6.43 -9.49
C ILE A 91 -8.56 -6.75 -10.87
N ALA A 92 -8.70 -5.73 -11.72
CA ALA A 92 -9.30 -5.95 -13.05
C ALA A 92 -8.44 -6.86 -13.91
N GLY A 93 -7.12 -6.64 -13.90
CA GLY A 93 -6.24 -7.44 -14.73
C GLY A 93 -6.09 -8.87 -14.25
N LEU A 94 -6.06 -9.07 -12.93
CA LEU A 94 -5.94 -10.42 -12.39
C LEU A 94 -7.16 -11.26 -12.70
N ILE A 95 -8.36 -10.71 -12.52
CA ILE A 95 -9.59 -11.40 -12.89
C ILE A 95 -9.58 -11.73 -14.38
N TYR A 96 -9.14 -10.77 -15.20
CA TYR A 96 -9.30 -10.89 -16.64
C TYR A 96 -8.32 -11.91 -17.24
N HIS A 97 -7.11 -11.97 -16.70
CA HIS A 97 -6.09 -12.84 -17.27
C HIS A 97 -6.29 -14.31 -16.95
N ARG A 98 -7.24 -14.65 -16.08
CA ARG A 98 -7.52 -16.05 -15.79
C ARG A 98 -8.25 -16.73 -16.95
N ASN A 99 -8.95 -15.95 -17.78
CA ASN A 99 -9.46 -16.44 -19.06
C ASN A 99 -9.81 -15.19 -19.89
N LYS A 100 -8.85 -14.74 -20.69
CA LYS A 100 -9.02 -13.55 -21.51
C LYS A 100 -10.27 -13.61 -22.38
N SER A 101 -11.28 -12.84 -22.00
CA SER A 101 -12.50 -12.67 -22.78
C SER A 101 -13.15 -11.38 -22.32
N ARG A 102 -14.19 -10.98 -23.05
CA ARG A 102 -14.93 -9.77 -22.69
C ARG A 102 -15.71 -9.96 -21.41
N ALA A 103 -16.21 -11.17 -21.20
CA ALA A 103 -16.97 -11.49 -19.99
C ALA A 103 -16.14 -11.17 -18.74
N THR A 104 -14.95 -11.77 -18.65
CA THR A 104 -14.10 -11.49 -17.51
C THR A 104 -13.38 -10.15 -17.61
N ALA A 105 -13.36 -9.53 -18.79
CA ALA A 105 -12.99 -8.12 -18.87
C ALA A 105 -14.05 -7.26 -18.20
N ILE A 106 -15.33 -7.52 -18.53
CA ILE A 106 -16.44 -6.78 -17.94
C ILE A 106 -16.51 -7.03 -16.44
N LYS A 107 -16.48 -8.31 -16.03
CA LYS A 107 -16.53 -8.62 -14.60
C LYS A 107 -15.29 -8.15 -13.88
N GLY A 108 -14.13 -8.17 -14.55
CA GLY A 108 -12.92 -7.68 -13.91
C GLY A 108 -13.02 -6.22 -13.54
N MET A 109 -13.61 -5.41 -14.43
CA MET A 109 -13.71 -3.98 -14.17
C MET A 109 -14.83 -3.64 -13.19
N ILE A 110 -15.90 -4.44 -13.14
CA ILE A 110 -16.96 -4.17 -12.19
C ILE A 110 -16.52 -4.52 -10.78
N VAL A 111 -15.89 -5.69 -10.60
CA VAL A 111 -15.38 -6.06 -9.29
C VAL A 111 -14.31 -5.07 -8.84
N ALA A 112 -13.45 -4.65 -9.76
CA ALA A 112 -12.42 -3.67 -9.43
C ALA A 112 -13.04 -2.33 -9.05
N THR A 113 -14.08 -1.91 -9.77
CA THR A 113 -14.71 -0.62 -9.49
C THR A 113 -15.36 -0.62 -8.11
N LEU A 114 -16.08 -1.69 -7.76
CA LEU A 114 -16.77 -1.73 -6.48
C LEU A 114 -15.80 -1.96 -5.33
N PHE A 115 -14.69 -2.65 -5.56
CA PHE A 115 -13.68 -2.78 -4.51
C PHE A 115 -12.98 -1.44 -4.27
N ALA A 116 -12.51 -0.80 -5.34
CA ALA A 116 -11.85 0.49 -5.19
C ALA A 116 -12.76 1.52 -4.53
N THR A 117 -14.07 1.41 -4.76
CA THR A 117 -14.99 2.38 -4.17
C THR A 117 -15.17 2.12 -2.68
N ALA A 118 -15.40 0.86 -2.30
CA ALA A 118 -15.44 0.51 -0.88
C ALA A 118 -14.11 0.84 -0.22
N PHE A 119 -13.01 0.42 -0.85
CA PHE A 119 -11.67 0.74 -0.36
C PHE A 119 -11.50 2.24 -0.17
N ALA A 120 -11.97 3.03 -1.15
CA ALA A 120 -11.94 4.48 -1.00
C ALA A 120 -12.75 4.91 0.21
N LEU A 121 -13.96 4.39 0.35
CA LEU A 121 -14.81 4.76 1.49
C LEU A 121 -14.13 4.45 2.82
N GLY A 122 -13.43 3.33 2.91
CA GLY A 122 -12.73 3.00 4.14
C GLY A 122 -11.58 3.95 4.42
N LEU A 123 -10.78 4.26 3.41
CA LEU A 123 -9.67 5.19 3.60
C LEU A 123 -10.16 6.63 3.67
N ASN A 124 -11.07 7.02 2.77
CA ASN A 124 -11.67 8.34 2.82
C ASN A 124 -12.38 8.57 4.16
N ALA A 125 -12.76 7.50 4.87
CA ALA A 125 -13.29 7.62 6.23
C ALA A 125 -12.22 8.00 7.24
N LEU A 126 -10.95 7.68 6.95
CA LEU A 126 -9.86 7.88 7.88
C LEU A 126 -8.96 9.04 7.50
N ILE A 127 -9.03 9.52 6.26
CA ILE A 127 -8.18 10.61 5.79
C ILE A 127 -8.89 11.96 5.93
N VAL A 128 -10.20 12.00 5.66
CA VAL A 128 -10.92 13.27 5.64
C VAL A 128 -10.83 14.01 6.98
N PRO A 129 -11.16 13.39 8.13
CA PRO A 129 -11.07 14.15 9.39
C PRO A 129 -9.66 14.60 9.71
N LEU A 130 -8.65 13.78 9.42
CA LEU A 130 -7.27 14.16 9.68
C LEU A 130 -6.83 15.28 8.74
N TYR A 131 -7.15 15.15 7.45
CA TYR A 131 -6.69 16.10 6.45
C TYR A 131 -7.27 17.49 6.68
N PHE A 132 -8.55 17.58 7.04
CA PHE A 132 -9.18 18.85 7.32
C PHE A 132 -9.14 19.23 8.79
N GLU A 133 -8.53 18.40 9.64
CA GLU A 133 -8.50 18.60 11.08
C GLU A 133 -9.91 18.89 11.60
N ALA A 134 -10.82 17.99 11.28
CA ALA A 134 -12.25 18.17 11.44
C ALA A 134 -12.86 16.97 12.15
N PRO A 135 -14.05 17.12 12.73
CA PRO A 135 -14.73 15.97 13.32
C PRO A 135 -15.15 14.96 12.27
N PHE A 136 -15.35 13.72 12.74
CA PHE A 136 -15.86 12.65 11.89
C PHE A 136 -17.17 13.03 11.22
N GLU A 137 -17.90 14.00 11.79
CA GLU A 137 -19.08 14.62 11.22
C GLU A 137 -18.87 14.88 9.74
N LEU A 138 -17.76 15.55 9.41
CA LEU A 138 -17.54 16.02 8.05
C LEU A 138 -17.37 14.86 7.05
N TYR A 139 -16.77 13.76 7.47
CA TYR A 139 -16.66 12.60 6.57
C TYR A 139 -18.05 12.08 6.22
N LEU A 140 -18.93 11.95 7.21
CA LEU A 140 -20.31 11.56 6.92
C LEU A 140 -20.98 12.57 6.01
N LYS A 141 -20.59 13.85 6.11
CA LYS A 141 -21.11 14.85 5.19
C LYS A 141 -20.55 14.66 3.78
N PHE A 142 -19.30 14.21 3.68
CA PHE A 142 -18.66 13.95 2.39
C PHE A 142 -19.02 12.60 1.81
N PHE A 143 -19.65 11.72 2.59
CA PHE A 143 -19.85 10.33 2.16
C PHE A 143 -20.60 10.21 0.83
N PRO A 144 -21.74 10.87 0.61
CA PRO A 144 -22.43 10.70 -0.68
C PRO A 144 -21.61 11.17 -1.86
N PHE A 145 -20.75 12.17 -1.67
CA PHE A 145 -19.90 12.62 -2.76
C PHE A 145 -18.76 11.64 -3.02
N ILE A 146 -18.26 10.97 -1.98
CA ILE A 146 -17.13 10.08 -2.14
C ILE A 146 -17.54 8.80 -2.88
N LEU A 147 -18.66 8.20 -2.47
CA LEU A 147 -19.16 7.01 -3.15
C LEU A 147 -19.53 7.32 -4.60
N ALA A 148 -20.25 8.42 -4.82
CA ALA A 148 -20.62 8.79 -6.19
C ALA A 148 -19.40 9.06 -7.05
N PHE A 149 -18.39 9.73 -6.50
CA PHE A 149 -17.24 10.15 -7.30
C PHE A 149 -16.37 8.96 -7.70
N ASN A 150 -15.85 8.21 -6.73
CA ASN A 150 -15.02 7.07 -7.10
C ASN A 150 -15.81 6.08 -7.97
N LEU A 151 -17.14 6.14 -7.94
CA LEU A 151 -17.96 5.30 -8.82
C LEU A 151 -17.96 5.82 -10.25
N VAL A 152 -18.24 7.11 -10.43
CA VAL A 152 -18.22 7.70 -11.77
C VAL A 152 -16.82 7.64 -12.36
N LYS A 153 -15.80 7.88 -11.52
CA LYS A 153 -14.43 7.90 -12.00
C LYS A 153 -14.01 6.55 -12.57
N PHE A 154 -14.13 5.48 -11.78
CA PHE A 154 -13.75 4.16 -12.24
C PHE A 154 -14.82 3.52 -13.13
N GLY A 155 -16.03 4.07 -13.16
CA GLY A 155 -17.02 3.60 -14.12
C GLY A 155 -16.71 4.07 -15.53
N ILE A 156 -16.47 5.38 -15.68
CA ILE A 156 -16.13 5.91 -17.01
C ILE A 156 -14.81 5.34 -17.49
N ASP A 157 -13.84 5.18 -16.59
CA ASP A 157 -12.56 4.57 -16.97
C ASP A 157 -12.74 3.14 -17.42
N SER A 158 -13.70 2.41 -16.86
CA SER A 158 -13.97 1.05 -17.30
C SER A 158 -14.63 1.05 -18.69
N VAL A 159 -15.65 1.89 -18.88
CA VAL A 159 -16.38 1.92 -20.14
C VAL A 159 -15.47 2.37 -21.28
N VAL A 160 -14.70 3.44 -21.06
CA VAL A 160 -13.77 3.90 -22.08
C VAL A 160 -12.77 2.81 -22.44
N THR A 161 -12.12 2.23 -21.42
CA THR A 161 -11.14 1.18 -21.65
C THR A 161 -11.75 0.02 -22.43
N PHE A 162 -12.97 -0.39 -22.04
CA PHE A 162 -13.62 -1.53 -22.65
C PHE A 162 -13.76 -1.35 -24.16
N PHE A 163 -14.11 -0.14 -24.59
CA PHE A 163 -14.36 0.12 -26.01
C PHE A 163 -13.10 0.42 -26.80
N VAL A 164 -11.92 0.43 -26.18
CA VAL A 164 -10.72 0.88 -26.88
C VAL A 164 -9.56 -0.11 -26.82
N TYR A 165 -9.48 -1.03 -25.84
CA TYR A 165 -8.16 -1.63 -25.63
C TYR A 165 -7.86 -2.80 -26.55
N LYS A 166 -8.83 -3.32 -27.31
CA LYS A 166 -8.46 -4.27 -28.35
C LYS A 166 -8.16 -3.60 -29.67
N LYS A 167 -8.77 -2.43 -29.93
CA LYS A 167 -8.27 -1.57 -31.00
C LYS A 167 -6.83 -1.15 -30.74
N VAL A 168 -6.36 -1.26 -29.51
CA VAL A 168 -4.96 -1.03 -29.19
C VAL A 168 -4.12 -2.29 -29.38
N SER A 169 -4.70 -3.47 -29.12
CA SER A 169 -3.98 -4.72 -29.37
C SER A 169 -3.78 -4.95 -30.86
N SER A 170 -4.72 -4.50 -31.69
CA SER A 170 -4.57 -4.62 -33.14
C SER A 170 -3.38 -3.82 -33.64
N ILE A 171 -3.20 -2.61 -33.11
CA ILE A 171 -2.11 -1.74 -33.57
C ILE A 171 -0.76 -2.32 -33.22
N LEU A 172 -0.67 -3.10 -32.15
CA LEU A 172 0.59 -3.73 -31.76
C LEU A 172 0.95 -4.87 -32.71
N SER B 3 10.75 3.93 36.96
CA SER B 3 11.97 3.16 37.16
C SER B 3 12.48 2.62 35.82
N SER B 4 13.81 2.59 35.65
CA SER B 4 14.41 2.05 34.44
C SER B 4 14.45 0.53 34.46
N ILE B 5 14.51 -0.07 35.65
CA ILE B 5 14.47 -1.52 35.77
C ILE B 5 13.16 -2.08 35.24
N LYS B 6 12.06 -1.31 35.34
CA LYS B 6 10.77 -1.76 34.81
C LYS B 6 10.69 -1.63 33.30
N LYS B 7 11.44 -0.70 32.70
CA LYS B 7 11.41 -0.49 31.25
C LYS B 7 12.42 -1.34 30.51
N ILE B 8 13.53 -1.69 31.15
CA ILE B 8 14.41 -2.70 30.56
C ILE B 8 13.77 -4.07 30.65
N SER B 9 13.07 -4.35 31.76
CA SER B 9 12.27 -5.57 31.87
C SER B 9 11.23 -5.63 30.75
N PHE B 10 10.53 -4.53 30.52
CA PHE B 10 9.44 -4.51 29.54
C PHE B 10 9.97 -4.65 28.13
N VAL B 11 11.10 -4.01 27.82
CA VAL B 11 11.68 -4.13 26.48
C VAL B 11 12.19 -5.54 26.26
N GLY B 12 12.87 -6.12 27.25
CA GLY B 12 13.42 -7.46 27.08
C GLY B 12 12.34 -8.50 26.85
N ILE B 13 11.30 -8.49 27.67
CA ILE B 13 10.22 -9.47 27.52
C ILE B 13 9.52 -9.28 26.19
N PHE B 14 9.17 -8.05 25.84
CA PHE B 14 8.43 -7.79 24.60
C PHE B 14 9.25 -8.16 23.37
N SER B 15 10.56 -7.96 23.40
CA SER B 15 11.39 -8.41 22.29
C SER B 15 11.53 -9.92 22.25
N ALA B 16 11.32 -10.59 23.40
CA ALA B 16 11.25 -12.05 23.40
C ALA B 16 9.91 -12.54 22.88
N LEU B 17 8.82 -11.86 23.25
CA LEU B 17 7.51 -12.22 22.72
C LEU B 17 7.45 -11.96 21.22
N ALA B 18 8.08 -10.87 20.75
CA ALA B 18 8.08 -10.58 19.32
C ALA B 18 8.85 -11.65 18.56
N THR B 19 9.90 -12.19 19.15
CA THR B 19 10.64 -13.29 18.51
C THR B 19 9.80 -14.55 18.49
N LEU B 20 9.16 -14.88 19.61
CA LEU B 20 8.40 -16.13 19.71
C LEU B 20 7.24 -16.15 18.74
N VAL B 21 6.52 -15.03 18.60
CA VAL B 21 5.30 -15.03 17.79
C VAL B 21 5.57 -14.93 16.29
N MET B 22 6.79 -14.60 15.89
CA MET B 22 7.11 -14.70 14.46
C MET B 22 7.47 -16.11 14.04
N PHE B 23 7.48 -17.05 14.98
CA PHE B 23 7.40 -18.45 14.60
C PHE B 23 6.03 -18.83 14.07
N LEU B 24 5.08 -17.89 14.07
CA LEU B 24 3.77 -18.06 13.48
C LEU B 24 3.73 -17.66 12.01
N GLU B 25 4.88 -17.32 11.42
CA GLU B 25 4.90 -16.79 10.06
C GLU B 25 4.22 -17.76 9.10
N PHE B 26 3.41 -17.23 8.19
CA PHE B 26 2.68 -18.06 7.26
C PHE B 26 2.40 -17.29 5.98
N PRO B 27 2.43 -17.95 4.83
CA PRO B 27 2.09 -17.28 3.56
C PRO B 27 0.64 -16.81 3.55
N ILE B 28 0.46 -15.50 3.38
CA ILE B 28 -0.87 -14.95 3.14
C ILE B 28 -1.33 -15.30 1.72
N PHE B 29 -0.43 -15.12 0.75
CA PHE B 29 -0.73 -15.39 -0.65
C PHE B 29 0.06 -16.59 -1.12
N PRO B 30 -0.57 -17.72 -1.40
CA PRO B 30 0.17 -18.88 -1.91
C PRO B 30 0.97 -18.61 -3.17
N GLN B 31 0.58 -17.62 -3.96
CA GLN B 31 1.37 -17.25 -5.14
C GLN B 31 2.74 -16.71 -4.73
N ALA B 32 2.75 -15.71 -3.84
CA ALA B 32 4.00 -15.13 -3.36
C ALA B 32 4.31 -15.69 -1.97
N SER B 33 4.67 -16.98 -1.97
CA SER B 33 4.91 -17.69 -0.71
C SER B 33 6.15 -17.19 0.02
N PHE B 34 7.01 -16.37 -0.62
CA PHE B 34 8.14 -15.80 0.08
C PHE B 34 7.73 -14.67 1.02
N LEU B 35 6.53 -14.12 0.84
CA LEU B 35 5.99 -13.10 1.74
C LEU B 35 5.22 -13.81 2.85
N LYS B 36 5.80 -13.86 4.03
CA LYS B 36 5.20 -14.53 5.19
C LYS B 36 4.71 -13.47 6.18
N TYR B 37 3.48 -13.63 6.65
CA TYR B 37 2.95 -12.73 7.66
C TYR B 37 3.19 -13.28 9.06
N ASP B 38 3.61 -12.41 9.95
CA ASP B 38 3.76 -12.70 11.37
C ASP B 38 3.50 -11.42 12.14
N PRO B 39 2.93 -11.51 13.35
CA PRO B 39 2.60 -10.30 14.10
C PRO B 39 3.68 -9.85 15.07
N SER B 40 4.95 -9.93 14.66
CA SER B 40 6.05 -9.55 15.54
C SER B 40 6.17 -8.05 15.68
N GLU B 41 5.63 -7.30 14.74
CA GLU B 41 5.74 -5.85 14.74
C GLU B 41 4.72 -5.20 15.68
N ILE B 42 3.71 -5.93 16.14
CA ILE B 42 2.80 -5.40 17.15
C ILE B 42 3.53 -5.16 18.47
N PRO B 43 4.28 -6.12 19.03
CA PRO B 43 5.09 -5.81 20.22
C PRO B 43 6.06 -4.66 19.99
N ALA B 44 6.68 -4.60 18.81
CA ALA B 44 7.64 -3.54 18.53
C ALA B 44 6.98 -2.18 18.41
N LEU B 45 5.78 -2.12 17.80
CA LEU B 45 5.10 -0.84 17.65
C LEU B 45 4.62 -0.31 19.00
N ILE B 46 4.14 -1.21 19.87
CA ILE B 46 3.74 -0.80 21.22
C ILE B 46 4.93 -0.22 21.96
N VAL B 47 6.10 -0.85 21.83
CA VAL B 47 7.31 -0.34 22.46
C VAL B 47 7.63 1.05 21.96
N SER B 48 7.53 1.26 20.64
CA SER B 48 7.86 2.55 20.05
C SER B 48 6.94 3.65 20.56
N PHE B 49 5.67 3.33 20.79
CA PHE B 49 4.73 4.36 21.23
C PHE B 49 4.95 4.74 22.69
N LEU B 50 5.35 3.79 23.53
CA LEU B 50 5.50 4.06 24.95
C LEU B 50 6.91 4.51 25.33
N LEU B 51 7.90 4.29 24.47
CA LEU B 51 9.28 4.61 24.82
C LEU B 51 10.04 5.39 23.75
N GLY B 52 9.61 5.34 22.49
CA GLY B 52 10.30 6.05 21.43
C GLY B 52 10.66 5.14 20.28
N PRO B 53 10.68 5.69 19.06
CA PRO B 53 11.00 4.87 17.88
C PRO B 53 12.38 4.24 17.94
N GLY B 54 13.34 4.86 18.64
CA GLY B 54 14.66 4.24 18.76
C GLY B 54 14.60 2.88 19.43
N VAL B 55 13.84 2.77 20.51
CA VAL B 55 13.72 1.49 21.20
C VAL B 55 12.90 0.51 20.38
N GLY B 56 11.86 1.01 19.70
CA GLY B 56 11.02 0.12 18.91
C GLY B 56 11.76 -0.50 17.75
N MET B 57 12.59 0.27 17.06
CA MET B 57 13.39 -0.28 15.97
C MET B 57 14.43 -1.26 16.48
N PHE B 58 14.97 -1.03 17.68
CA PHE B 58 15.90 -1.97 18.29
C PHE B 58 15.24 -3.31 18.56
N VAL B 59 13.95 -3.29 18.94
CA VAL B 59 13.23 -4.55 19.16
C VAL B 59 13.11 -5.33 17.86
N VAL B 60 12.81 -4.65 16.75
CA VAL B 60 12.70 -5.33 15.47
C VAL B 60 14.05 -5.94 15.07
N LEU B 61 15.14 -5.21 15.31
CA LEU B 61 16.46 -5.74 14.96
C LEU B 61 16.82 -6.93 15.85
N VAL B 62 16.59 -6.84 17.15
CA VAL B 62 16.89 -7.95 18.04
C VAL B 62 15.99 -9.14 17.71
N LYS B 63 14.70 -8.88 17.51
CA LYS B 63 13.76 -9.94 17.15
C LYS B 63 14.23 -10.70 15.91
N ASP B 64 14.69 -9.97 14.90
CA ASP B 64 14.98 -10.61 13.61
C ASP B 64 16.31 -11.35 13.61
N ILE B 65 17.32 -10.87 14.33
CA ILE B 65 18.58 -11.62 14.35
C ILE B 65 18.44 -12.85 15.23
N LEU B 66 17.67 -12.76 16.31
CA LEU B 66 17.35 -13.96 17.09
C LEU B 66 16.61 -14.96 16.23
N PHE B 67 15.64 -14.49 15.45
CA PHE B 67 14.93 -15.38 14.54
C PHE B 67 15.84 -15.88 13.42
N PHE B 68 16.84 -15.09 13.03
CA PHE B 68 17.77 -15.55 12.00
C PHE B 68 18.57 -16.75 12.48
N LEU B 69 18.94 -16.78 13.76
CA LEU B 69 19.80 -17.84 14.27
C LEU B 69 19.00 -19.09 14.63
N MET B 70 17.73 -18.95 14.99
CA MET B 70 16.92 -20.09 15.41
C MET B 70 16.37 -20.85 14.21
N LYS B 71 15.39 -20.26 13.50
CA LYS B 71 14.64 -21.00 12.48
C LYS B 71 14.56 -20.22 11.17
N SER B 72 15.72 -19.87 10.62
CA SER B 72 15.80 -19.29 9.28
C SER B 72 17.25 -19.17 8.82
N GLY B 73 17.53 -19.62 7.61
CA GLY B 73 18.86 -19.47 7.05
C GLY B 73 18.89 -18.61 5.81
N ASP B 74 18.02 -17.61 5.76
CA ASP B 74 17.87 -16.73 4.61
C ASP B 74 18.13 -15.29 5.04
N PRO B 75 19.36 -14.79 4.88
CA PRO B 75 19.65 -13.41 5.29
C PRO B 75 18.85 -12.37 4.51
N VAL B 76 18.56 -12.63 3.24
CA VAL B 76 17.84 -11.66 2.42
C VAL B 76 16.46 -11.39 3.00
N GLY B 77 15.69 -12.46 3.25
CA GLY B 77 14.33 -12.28 3.74
C GLY B 77 14.28 -11.59 5.10
N ILE B 78 15.23 -11.91 5.96
CA ILE B 78 15.23 -11.34 7.31
C ILE B 78 15.72 -9.90 7.29
N ALA B 79 16.67 -9.58 6.42
CA ALA B 79 17.06 -8.18 6.24
C ALA B 79 15.91 -7.35 5.70
N MET B 80 15.08 -7.95 4.83
CA MET B 80 13.91 -7.26 4.31
C MET B 80 12.87 -7.04 5.41
N ASN B 81 12.59 -8.08 6.20
CA ASN B 81 11.65 -7.95 7.32
C ASN B 81 12.13 -6.90 8.30
N ALA B 82 13.44 -6.84 8.54
CA ALA B 82 13.96 -5.89 9.52
C ALA B 82 13.98 -4.46 8.98
N VAL B 83 14.36 -4.30 7.71
CA VAL B 83 14.40 -2.95 7.12
C VAL B 83 13.00 -2.37 7.04
N LEU B 84 12.03 -3.17 6.64
CA LEU B 84 10.66 -2.68 6.55
C LEU B 84 10.04 -2.51 7.94
N GLY B 85 10.31 -3.44 8.85
CA GLY B 85 9.81 -3.31 10.21
C GLY B 85 10.37 -2.09 10.92
N MET B 86 11.67 -1.83 10.75
CA MET B 86 12.27 -0.66 11.39
C MET B 86 11.71 0.63 10.82
N SER B 87 11.52 0.69 9.50
CA SER B 87 10.89 1.85 8.87
C SER B 87 9.47 2.05 9.39
N PHE B 88 8.73 0.95 9.52
CA PHE B 88 7.34 1.04 9.97
C PHE B 88 7.26 1.59 11.39
N VAL B 89 7.87 0.88 12.36
CA VAL B 89 7.78 1.34 13.74
C VAL B 89 8.54 2.64 13.95
N GLY B 90 9.51 2.95 13.09
CA GLY B 90 10.25 4.19 13.26
C GLY B 90 9.44 5.41 12.86
N ILE B 91 8.79 5.35 11.69
CA ILE B 91 7.99 6.47 11.22
C ILE B 91 6.82 6.72 12.17
N ALA B 92 6.09 5.65 12.53
CA ALA B 92 4.89 5.79 13.34
C ALA B 92 5.22 6.40 14.69
N GLY B 93 6.25 5.88 15.37
CA GLY B 93 6.64 6.43 16.65
C GLY B 93 7.16 7.86 16.55
N LEU B 94 7.75 8.22 15.40
CA LEU B 94 8.24 9.58 15.21
C LEU B 94 7.09 10.58 15.14
N ILE B 95 6.09 10.30 14.32
CA ILE B 95 4.93 11.19 14.21
C ILE B 95 4.21 11.27 15.55
N TYR B 96 4.04 10.12 16.21
CA TYR B 96 3.24 10.08 17.44
C TYR B 96 3.93 10.82 18.57
N HIS B 97 5.20 10.51 18.83
CA HIS B 97 5.90 11.13 19.96
C HIS B 97 6.08 12.63 19.80
N ARG B 98 5.84 13.16 18.62
CA ARG B 98 5.95 14.60 18.45
C ARG B 98 4.73 15.31 19.02
N ASN B 99 3.58 14.66 19.01
CA ASN B 99 2.36 15.19 19.59
C ASN B 99 1.44 14.04 19.96
N LYS B 100 1.69 13.41 21.10
CA LYS B 100 1.03 12.16 21.46
C LYS B 100 -0.47 12.39 21.67
N SER B 101 -1.27 11.86 20.76
CA SER B 101 -2.72 11.85 20.90
C SER B 101 -3.27 10.76 20.00
N ARG B 102 -4.58 10.55 20.11
CA ARG B 102 -5.24 9.50 19.32
C ARG B 102 -5.12 9.78 17.83
N ALA B 103 -5.39 11.02 17.43
CA ALA B 103 -5.39 11.34 16.00
C ALA B 103 -3.99 11.24 15.41
N THR B 104 -2.98 11.74 16.12
CA THR B 104 -1.61 11.61 15.62
C THR B 104 -1.12 10.17 15.67
N ALA B 105 -1.77 9.30 16.46
CA ALA B 105 -1.45 7.89 16.42
C ALA B 105 -1.96 7.24 15.15
N ILE B 106 -3.20 7.55 14.78
CA ILE B 106 -3.75 7.07 13.51
C ILE B 106 -2.95 7.64 12.35
N LYS B 107 -2.63 8.93 12.40
CA LYS B 107 -1.88 9.56 11.32
C LYS B 107 -0.51 8.93 11.16
N GLY B 108 0.18 8.68 12.28
CA GLY B 108 1.48 8.04 12.20
C GLY B 108 1.43 6.65 11.62
N MET B 109 0.31 5.94 11.82
CA MET B 109 0.20 4.57 11.31
C MET B 109 -0.09 4.55 9.81
N ILE B 110 -0.89 5.50 9.32
CA ILE B 110 -1.11 5.61 7.87
C ILE B 110 0.20 5.88 7.16
N VAL B 111 0.89 6.95 7.59
CA VAL B 111 2.15 7.34 6.96
C VAL B 111 3.16 6.21 7.04
N ALA B 112 3.22 5.52 8.18
CA ALA B 112 4.15 4.40 8.32
C ALA B 112 3.75 3.24 7.44
N THR B 113 2.45 2.98 7.30
CA THR B 113 2.00 1.92 6.40
C THR B 113 2.30 2.26 4.94
N LEU B 114 2.13 3.53 4.58
CA LEU B 114 2.40 3.95 3.21
C LEU B 114 3.90 3.97 2.91
N PHE B 115 4.70 4.46 3.87
CA PHE B 115 6.15 4.55 3.66
C PHE B 115 6.79 3.17 3.60
N ALA B 116 6.38 2.27 4.50
CA ALA B 116 6.92 0.91 4.46
C ALA B 116 6.50 0.19 3.19
N THR B 117 5.24 0.35 2.78
CA THR B 117 4.77 -0.27 1.54
C THR B 117 5.50 0.30 0.33
N ALA B 118 5.64 1.62 0.26
CA ALA B 118 6.37 2.25 -0.83
C ALA B 118 7.82 1.77 -0.86
N PHE B 119 8.48 1.73 0.31
CA PHE B 119 9.83 1.17 0.37
C PHE B 119 9.83 -0.29 -0.06
N ALA B 120 8.84 -1.07 0.41
CA ALA B 120 8.76 -2.48 -0.01
C ALA B 120 8.67 -2.60 -1.52
N LEU B 121 7.85 -1.74 -2.15
CA LEU B 121 7.74 -1.76 -3.61
C LEU B 121 9.08 -1.43 -4.26
N GLY B 122 9.78 -0.44 -3.72
CA GLY B 122 11.09 -0.10 -4.26
C GLY B 122 12.13 -1.16 -4.00
N LEU B 123 12.14 -1.73 -2.78
CA LEU B 123 13.17 -2.70 -2.44
C LEU B 123 12.94 -4.02 -3.16
N ASN B 124 11.69 -4.47 -3.25
CA ASN B 124 11.42 -5.72 -3.95
C ASN B 124 11.74 -5.63 -5.43
N ALA B 125 11.78 -4.43 -6.00
CA ALA B 125 12.21 -4.28 -7.38
C ALA B 125 13.65 -4.70 -7.58
N LEU B 126 14.47 -4.55 -6.54
CA LEU B 126 15.87 -4.95 -6.60
C LEU B 126 16.10 -6.37 -6.11
N ILE B 127 15.34 -6.81 -5.11
CA ILE B 127 15.66 -8.04 -4.38
C ILE B 127 15.04 -9.27 -5.04
N VAL B 128 13.76 -9.19 -5.43
CA VAL B 128 13.07 -10.39 -5.92
C VAL B 128 13.71 -10.95 -7.19
N PRO B 129 14.07 -10.14 -8.20
CA PRO B 129 14.78 -10.73 -9.35
C PRO B 129 16.09 -11.42 -8.96
N LEU B 130 16.90 -10.80 -8.11
CA LEU B 130 18.18 -11.40 -7.73
C LEU B 130 17.97 -12.65 -6.88
N TYR B 131 17.02 -12.60 -5.95
CA TYR B 131 16.75 -13.71 -5.05
C TYR B 131 16.29 -14.94 -5.83
N PHE B 132 15.50 -14.74 -6.88
CA PHE B 132 15.01 -15.83 -7.72
C PHE B 132 15.89 -16.07 -8.94
N GLU B 133 16.97 -15.31 -9.08
CA GLU B 133 17.82 -15.30 -10.28
C GLU B 133 16.94 -15.32 -11.54
N ALA B 134 16.12 -14.28 -11.65
CA ALA B 134 15.01 -14.20 -12.58
C ALA B 134 15.02 -12.84 -13.27
N PRO B 135 14.34 -12.71 -14.41
CA PRO B 135 14.23 -11.40 -15.05
C PRO B 135 13.36 -10.45 -14.24
N PHE B 136 13.43 -9.17 -14.61
CA PHE B 136 12.68 -8.14 -13.91
C PHE B 136 11.17 -8.36 -14.02
N GLU B 137 10.72 -9.04 -15.08
CA GLU B 137 9.29 -9.20 -15.30
C GLU B 137 8.62 -10.02 -14.20
N LEU B 138 9.35 -10.94 -13.58
CA LEU B 138 8.77 -11.70 -12.47
C LEU B 138 8.44 -10.79 -11.29
N TYR B 139 9.26 -9.76 -11.05
CA TYR B 139 8.94 -8.78 -10.01
C TYR B 139 7.58 -8.15 -10.26
N LEU B 140 7.28 -7.85 -11.53
CA LEU B 140 5.99 -7.26 -11.86
C LEU B 140 4.86 -8.28 -11.72
N LYS B 141 5.14 -9.56 -11.98
CA LYS B 141 4.12 -10.58 -11.77
C LYS B 141 3.83 -10.77 -10.28
N PHE B 142 4.81 -10.49 -9.43
CA PHE B 142 4.62 -10.48 -7.99
C PHE B 142 4.15 -9.13 -7.46
N PHE B 143 4.12 -8.10 -8.31
CA PHE B 143 3.83 -6.74 -7.85
C PHE B 143 2.48 -6.61 -7.15
N PRO B 144 1.35 -7.07 -7.71
CA PRO B 144 0.07 -6.89 -7.00
C PRO B 144 0.04 -7.58 -5.64
N PHE B 145 0.74 -8.70 -5.49
CA PHE B 145 0.74 -9.41 -4.22
C PHE B 145 1.69 -8.77 -3.21
N ILE B 146 2.78 -8.16 -3.69
CA ILE B 146 3.66 -7.41 -2.79
C ILE B 146 2.92 -6.21 -2.22
N LEU B 147 2.20 -5.48 -3.07
CA LEU B 147 1.42 -4.34 -2.61
C LEU B 147 0.34 -4.76 -1.63
N ALA B 148 -0.46 -5.77 -2.00
CA ALA B 148 -1.54 -6.23 -1.15
C ALA B 148 -1.00 -6.76 0.18
N PHE B 149 0.03 -7.61 0.12
CA PHE B 149 0.57 -8.20 1.34
C PHE B 149 1.05 -7.13 2.32
N ASN B 150 1.77 -6.12 1.82
CA ASN B 150 2.32 -5.11 2.71
C ASN B 150 1.24 -4.19 3.27
N LEU B 151 0.16 -3.97 2.51
CA LEU B 151 -0.91 -3.11 3.02
C LEU B 151 -1.69 -3.81 4.13
N VAL B 152 -1.94 -5.10 3.99
CA VAL B 152 -2.68 -5.83 5.02
C VAL B 152 -1.78 -6.09 6.22
N LYS B 153 -0.50 -6.38 5.98
CA LYS B 153 0.43 -6.68 7.07
C LYS B 153 0.57 -5.50 8.02
N PHE B 154 0.98 -4.35 7.48
CA PHE B 154 1.11 -3.15 8.30
C PHE B 154 -0.24 -2.53 8.64
N GLY B 155 -1.28 -2.81 7.86
CA GLY B 155 -2.59 -2.26 8.15
C GLY B 155 -3.22 -2.87 9.40
N ILE B 156 -3.27 -4.20 9.47
CA ILE B 156 -3.94 -4.82 10.59
C ILE B 156 -3.09 -4.70 11.86
N ASP B 157 -1.77 -4.57 11.71
CA ASP B 157 -0.93 -4.34 12.88
C ASP B 157 -1.11 -2.94 13.42
N SER B 158 -1.38 -1.96 12.55
CA SER B 158 -1.75 -0.64 13.03
C SER B 158 -3.09 -0.69 13.76
N VAL B 159 -4.05 -1.44 13.22
CA VAL B 159 -5.35 -1.56 13.87
C VAL B 159 -5.23 -2.22 15.23
N VAL B 160 -4.50 -3.34 15.29
CA VAL B 160 -4.35 -4.07 16.55
C VAL B 160 -3.62 -3.21 17.58
N THR B 161 -2.49 -2.63 17.19
CA THR B 161 -1.74 -1.78 18.10
C THR B 161 -2.58 -0.61 18.61
N PHE B 162 -3.39 -0.03 17.72
CA PHE B 162 -4.15 1.16 18.08
C PHE B 162 -5.12 0.90 19.23
N PHE B 163 -5.70 -0.30 19.27
CA PHE B 163 -6.70 -0.63 20.28
C PHE B 163 -6.11 -1.30 21.52
N VAL B 164 -4.80 -1.50 21.57
CA VAL B 164 -4.18 -2.14 22.73
C VAL B 164 -3.07 -1.31 23.36
N TYR B 165 -2.51 -0.32 22.67
CA TYR B 165 -1.32 0.34 23.20
C TYR B 165 -1.59 1.15 24.46
N LYS B 166 -2.84 1.58 24.68
CA LYS B 166 -3.18 2.26 25.92
C LYS B 166 -3.60 1.32 27.03
N LYS B 167 -4.11 0.13 26.69
CA LYS B 167 -4.32 -0.89 27.71
C LYS B 167 -2.99 -1.37 28.27
N VAL B 168 -1.99 -1.53 27.41
CA VAL B 168 -0.65 -1.87 27.87
C VAL B 168 -0.07 -0.74 28.71
N SER B 169 -0.27 0.51 28.27
CA SER B 169 0.29 1.65 28.98
C SER B 169 -0.28 1.76 30.39
N SER B 170 -1.58 1.54 30.55
CA SER B 170 -2.19 1.63 31.88
C SER B 170 -1.62 0.58 32.82
N ILE B 171 -1.48 -0.65 32.34
CA ILE B 171 -0.99 -1.74 33.19
C ILE B 171 0.49 -1.53 33.53
N LEU B 172 1.27 -1.01 32.58
CA LEU B 172 2.71 -0.89 32.78
C LEU B 172 3.03 0.10 33.91
N LYS B 173 2.47 1.31 33.84
CA LYS B 173 2.75 2.32 34.85
C LYS B 173 1.46 2.73 35.57
N1 RBF C . -9.84 9.49 -5.39
C2 RBF C . -10.72 8.45 -5.45
O2 RBF C . -10.84 7.86 -6.46
N3 RBF C . -11.49 8.08 -4.33
C4 RBF C . -11.35 8.73 -3.18
O4 RBF C . -11.95 8.47 -2.16
C4A RBF C . -10.43 9.81 -3.15
N5 RBF C . -10.32 10.47 -1.97
C5A RBF C . -9.49 11.49 -1.84
C6 RBF C . -9.43 12.11 -0.56
C7 RBF C . -8.59 13.19 -0.33
C7M RBF C . -8.66 13.73 1.05
C8 RBF C . -7.80 13.66 -1.37
C8M RBF C . -6.85 14.86 -1.18
C9 RBF C . -7.87 13.02 -2.62
C9A RBF C . -8.72 11.91 -2.88
N10 RBF C . -8.83 11.27 -4.09
C10 RBF C . -9.71 10.18 -4.21
C1' RBF C . -8.13 11.48 -5.39
C2' RBF C . -7.80 12.96 -5.81
O2' RBF C . -8.51 13.28 -6.94
C3' RBF C . -6.29 13.18 -6.08
O3' RBF C . -5.48 12.74 -5.01
C4' RBF C . -6.01 14.64 -6.34
O4' RBF C . -4.63 14.83 -6.67
C5' RBF C . -6.35 15.50 -5.08
O5' RBF C . -6.09 16.89 -5.36
N1 RBF D . 8.21 -8.79 4.15
C2 RBF D . 7.40 -7.71 4.13
O2 RBF D . 6.81 -7.38 5.10
N3 RBF D . 7.27 -6.98 2.98
C4 RBF D . 7.93 -7.34 1.89
O4 RBF D . 7.82 -6.71 0.92
C4A RBF D . 8.76 -8.45 1.93
N5 RBF D . 9.45 -8.82 0.79
C5A RBF D . 10.25 -9.90 0.80
C6 RBF D . 10.96 -10.26 -0.38
C7 RBF D . 11.79 -11.37 -0.39
C7M RBF D . 12.45 -11.62 -1.70
C8 RBF D . 11.94 -12.14 0.76
C8M RBF D . 12.84 -13.39 0.82
C9 RBF D . 11.26 -11.78 1.93
C9A RBF D . 10.40 -10.65 1.96
N10 RBF D . 9.71 -10.29 3.07
C10 RBF D . 8.90 -9.17 3.04
C1' RBF D . 9.65 -10.85 4.44
C2' RBF D . 9.26 -12.35 4.54
O2' RBF D . 7.93 -12.49 4.85
C3' RBF D . 10.11 -12.96 5.67
O3' RBF D . 11.40 -12.40 5.63
C4' RBF D . 10.23 -14.46 5.55
O4' RBF D . 11.16 -14.92 6.54
C5' RBF D . 10.76 -14.85 4.15
O5' RBF D . 10.93 -16.29 4.08
#